data_6RD2
#
_entry.id   6RD2
#
_cell.length_a   148.390
_cell.length_b   44.000
_cell.length_c   34.830
_cell.angle_alpha   90.00
_cell.angle_beta   102.17
_cell.angle_gamma   90.00
#
_symmetry.space_group_name_H-M   'C 1 2 1'
#
loop_
_entity.id
_entity.type
_entity.pdbx_description
1 polymer 'Protein enabled homolog'
2 polymer THR-GLU-ASP-GLU-NLW
3 non-polymer 'NITRATE ION'
4 non-polymer GLYCEROL
5 non-polymer "(3~{S},7~{R},10~{R},13~{S})-4-[(3~{S},6~{R},8~{a}~{S})-1'-[(2~{S})-2-acetamido-3-(2-chlorophenyl)propanoyl]-5-oxidanylidene-spiro[1,2,3,8~{a}-tetrahydroindolizine-6,2'-pyrrolidine]-3-yl]carbonyl-2-oxidanylidene-1,4-diazatricyclo[8.3.0.0^{3,7}]tridec-8-ene-13-carboxylic acid"
6 water water
#
loop_
_entity_poly.entity_id
_entity_poly.type
_entity_poly.pdbx_seq_one_letter_code
_entity_poly.pdbx_strand_id
1 'polypeptide(L)'
;GSMSEQSICQARAAVMVYDDANKKWVPAGGSTGFSRVHIYHHTGNNTFRVVGRKIQDHQVVINCAIPKGLKYNQATQTFH
QWRDARQVYGLNFGSKEDANVFASAMMHALEVL
;
B,A
2 'polypeptide(L)' TEDE(NLW) C,D
#
# COMPACT_ATOMS: atom_id res chain seq x y z
N GLU A 5 10.25 -15.19 14.02
CA GLU A 5 10.86 -13.95 13.59
C GLU A 5 11.34 -13.18 14.80
N GLN A 6 12.57 -12.71 14.75
CA GLN A 6 13.18 -11.93 15.83
C GLN A 6 13.43 -10.54 15.28
N SER A 7 13.01 -9.54 16.02
CA SER A 7 13.30 -8.17 15.63
C SER A 7 14.75 -7.87 15.96
N ILE A 8 15.48 -7.35 14.98
CA ILE A 8 16.86 -6.95 15.18
C ILE A 8 17.02 -5.46 15.31
N CYS A 9 15.97 -4.68 15.01
N CYS A 9 15.93 -4.71 15.18
CA CYS A 9 15.97 -3.26 15.32
CA CYS A 9 16.00 -3.25 15.18
C CYS A 9 14.57 -2.72 15.26
C CYS A 9 14.58 -2.69 15.18
N GLN A 10 14.41 -1.53 15.81
CA GLN A 10 13.18 -0.75 15.74
C GLN A 10 13.63 0.68 15.49
N ALA A 11 13.00 1.34 14.51
CA ALA A 11 13.35 2.72 14.24
C ALA A 11 12.11 3.47 13.80
N ARG A 12 12.04 4.76 14.16
CA ARG A 12 10.89 5.58 13.85
C ARG A 12 11.10 6.23 12.51
N ALA A 13 10.18 6.04 11.58
CA ALA A 13 10.32 6.63 10.26
C ALA A 13 8.98 6.75 9.61
N ALA A 14 8.86 7.81 8.79
CA ALA A 14 7.74 7.89 7.84
C ALA A 14 8.19 7.09 6.61
N VAL A 15 7.40 6.08 6.27
CA VAL A 15 7.71 5.14 5.21
C VAL A 15 7.07 5.64 3.94
N MET A 16 7.87 5.89 2.92
N MET A 16 7.85 5.66 2.86
CA MET A 16 7.42 6.41 1.65
CA MET A 16 7.50 6.34 1.63
C MET A 16 7.63 5.36 0.56
C MET A 16 7.84 5.50 0.42
N VAL A 17 6.83 5.45 -0.49
N VAL A 17 6.93 5.53 -0.54
CA VAL A 17 7.18 4.76 -1.73
CA VAL A 17 7.00 4.75 -1.77
C VAL A 17 7.16 5.76 -2.87
C VAL A 17 7.04 5.71 -2.94
N TYR A 18 7.95 5.48 -3.90
CA TYR A 18 8.08 6.43 -5.00
C TYR A 18 7.08 6.08 -6.09
N ASP A 19 6.26 7.05 -6.43
CA ASP A 19 5.35 6.90 -7.53
C ASP A 19 6.06 7.41 -8.78
N ASP A 20 6.66 6.48 -9.54
CA ASP A 20 7.48 6.90 -10.67
C ASP A 20 6.69 7.68 -11.69
N ALA A 21 5.44 7.27 -11.89
CA ALA A 21 4.64 7.86 -12.97
C ALA A 21 4.43 9.34 -12.73
N ASN A 22 4.30 9.73 -11.46
CA ASN A 22 4.10 11.12 -11.15
C ASN A 22 5.31 11.75 -10.51
N LYS A 23 6.44 11.02 -10.45
CA LYS A 23 7.71 11.47 -9.87
C LYS A 23 7.49 12.10 -8.51
N LYS A 24 6.89 11.32 -7.63
N LYS A 24 6.72 11.42 -7.66
CA LYS A 24 6.50 11.80 -6.32
CA LYS A 24 6.47 11.90 -6.29
C LYS A 24 6.69 10.71 -5.29
C LYS A 24 6.63 10.76 -5.30
N TRP A 25 7.15 11.07 -4.10
CA TRP A 25 7.03 10.16 -2.99
C TRP A 25 5.60 10.24 -2.46
N VAL A 26 5.07 9.11 -2.08
N VAL A 26 5.08 9.09 -2.05
CA VAL A 26 3.76 9.10 -1.44
CA VAL A 26 3.72 8.93 -1.50
C VAL A 26 3.91 8.26 -0.18
C VAL A 26 3.79 8.12 -0.22
N PRO A 27 3.06 8.51 0.83
CA PRO A 27 3.13 7.74 2.05
C PRO A 27 2.79 6.28 1.79
N ALA A 28 3.61 5.39 2.31
CA ALA A 28 3.31 3.98 2.22
C ALA A 28 1.96 3.69 2.86
N GLY A 29 1.17 2.87 2.17
CA GLY A 29 -0.16 2.56 2.64
C GLY A 29 -1.14 3.69 2.52
N GLY A 30 -0.76 4.82 1.94
CA GLY A 30 -1.65 5.94 1.79
C GLY A 30 -1.94 6.66 3.07
N SER A 31 -1.04 6.58 4.05
CA SER A 31 -1.32 6.99 5.40
C SER A 31 -0.18 7.82 5.95
N THR A 32 -0.31 9.16 5.86
CA THR A 32 0.76 10.02 6.34
C THR A 32 1.04 9.79 7.81
N GLY A 33 2.32 9.89 8.18
CA GLY A 33 2.75 9.82 9.56
C GLY A 33 3.84 8.78 9.77
N PHE A 34 4.27 8.72 11.00
CA PHE A 34 5.39 7.89 11.38
C PHE A 34 4.95 6.49 11.68
N SER A 35 5.85 5.57 11.40
CA SER A 35 5.74 4.16 11.72
C SER A 35 6.88 3.72 12.60
N ARG A 36 6.65 2.62 13.27
CA ARG A 36 7.70 1.84 13.94
C ARG A 36 8.14 0.78 12.95
N VAL A 37 9.40 0.86 12.51
CA VAL A 37 9.91 0.03 11.43
C VAL A 37 10.92 -0.93 12.02
N HIS A 38 10.65 -2.20 11.85
CA HIS A 38 11.56 -3.25 12.27
C HIS A 38 12.31 -3.83 11.10
N ILE A 39 13.48 -4.43 11.38
CA ILE A 39 13.96 -5.53 10.55
C ILE A 39 13.79 -6.80 11.32
N TYR A 40 13.09 -7.75 10.73
CA TYR A 40 12.88 -9.04 11.36
C TYR A 40 13.76 -10.05 10.69
N HIS A 41 14.40 -10.87 11.51
CA HIS A 41 15.23 -11.97 11.05
C HIS A 41 14.49 -13.29 11.24
N HIS A 42 14.37 -14.06 10.17
CA HIS A 42 13.86 -15.41 10.25
C HIS A 42 15.08 -16.32 10.20
N THR A 43 15.36 -16.96 11.34
CA THR A 43 16.63 -17.65 11.47
C THR A 43 16.64 -18.94 10.67
N GLY A 44 15.49 -19.55 10.46
CA GLY A 44 15.46 -20.87 9.82
C GLY A 44 16.07 -20.90 8.44
N ASN A 45 15.84 -19.84 7.67
CA ASN A 45 16.48 -19.73 6.36
C ASN A 45 17.33 -18.48 6.23
N ASN A 46 17.69 -17.87 7.35
CA ASN A 46 18.47 -16.65 7.39
C ASN A 46 17.94 -15.63 6.39
N THR A 47 16.69 -15.25 6.55
CA THR A 47 16.09 -14.20 5.75
C THR A 47 15.71 -13.02 6.65
N PHE A 48 15.59 -11.86 6.03
CA PHE A 48 15.31 -10.63 6.74
C PHE A 48 14.27 -9.85 5.97
N ARG A 49 13.43 -9.14 6.71
N ARG A 49 13.40 -9.15 6.68
CA ARG A 49 12.37 -8.32 6.14
CA ARG A 49 12.37 -8.32 6.04
C ARG A 49 12.29 -7.00 6.87
C ARG A 49 12.12 -7.07 6.86
N VAL A 50 11.82 -5.99 6.16
CA VAL A 50 11.52 -4.70 6.75
C VAL A 50 10.00 -4.68 6.94
N VAL A 51 9.53 -4.47 8.18
CA VAL A 51 8.09 -4.43 8.45
C VAL A 51 7.84 -3.19 9.28
N GLY A 52 6.95 -2.33 8.82
CA GLY A 52 6.65 -1.10 9.51
C GLY A 52 5.15 -0.96 9.72
N ARG A 53 4.77 -0.44 10.88
N ARG A 53 4.78 -0.43 10.87
CA ARG A 53 3.36 -0.24 11.19
CA ARG A 53 3.38 -0.23 11.22
C ARG A 53 3.14 1.16 11.73
C ARG A 53 3.16 1.18 11.72
N LYS A 54 2.09 1.80 11.27
CA LYS A 54 1.75 3.15 11.77
C LYS A 54 1.69 3.16 13.28
N ILE A 55 2.29 4.20 13.89
CA ILE A 55 2.22 4.37 15.34
C ILE A 55 0.78 4.47 15.81
N GLN A 56 -0.05 5.22 15.09
CA GLN A 56 -1.39 5.45 15.59
C GLN A 56 -2.28 4.24 15.38
N ASP A 57 -2.53 3.84 14.13
CA ASP A 57 -3.58 2.85 13.91
C ASP A 57 -3.02 1.47 13.61
N HIS A 58 -1.70 1.30 13.65
CA HIS A 58 -1.03 0.02 13.56
C HIS A 58 -1.13 -0.62 12.18
N GLN A 59 -1.56 0.11 11.15
CA GLN A 59 -1.58 -0.45 9.80
C GLN A 59 -0.17 -0.83 9.36
N VAL A 60 -0.06 -2.02 8.76
CA VAL A 60 1.23 -2.42 8.18
C VAL A 60 1.35 -1.68 6.87
N VAL A 61 2.38 -0.85 6.77
CA VAL A 61 2.58 -0.04 5.57
C VAL A 61 3.75 -0.50 4.74
N ILE A 62 4.60 -1.36 5.28
CA ILE A 62 5.70 -1.96 4.51
C ILE A 62 5.93 -3.34 5.04
N ASN A 63 6.19 -4.26 4.11
CA ASN A 63 6.55 -5.64 4.46
C ASN A 63 7.33 -6.15 3.27
N CYS A 64 8.64 -5.97 3.36
N CYS A 64 8.62 -5.92 3.28
CA CYS A 64 9.55 -6.02 2.23
CA CYS A 64 9.38 -6.35 2.12
C CYS A 64 10.76 -6.89 2.52
C CYS A 64 10.59 -7.18 2.52
N ALA A 65 10.95 -7.91 1.70
N ALA A 65 10.99 -8.05 1.60
CA ALA A 65 12.15 -8.71 1.71
CA ALA A 65 12.18 -8.85 1.80
C ALA A 65 13.39 -7.82 1.64
C ALA A 65 13.41 -8.01 1.49
N ILE A 66 14.49 -8.30 2.22
CA ILE A 66 15.80 -7.70 2.02
C ILE A 66 16.64 -8.73 1.26
N PRO A 67 16.92 -8.53 0.00
CA PRO A 67 17.67 -9.50 -0.76
C PRO A 67 19.17 -9.33 -0.61
N LYS A 68 19.87 -10.46 -0.72
CA LYS A 68 21.31 -10.38 -0.74
C LYS A 68 21.71 -9.48 -1.90
N GLY A 69 22.67 -8.61 -1.66
CA GLY A 69 23.19 -7.75 -2.71
C GLY A 69 22.51 -6.40 -2.81
N LEU A 70 21.50 -6.14 -1.97
CA LEU A 70 20.79 -4.88 -2.02
C LEU A 70 21.75 -3.72 -1.87
N LYS A 71 21.48 -2.68 -2.65
CA LYS A 71 22.16 -1.40 -2.51
C LYS A 71 21.30 -0.52 -1.61
N TYR A 72 21.76 -0.29 -0.41
CA TYR A 72 21.03 0.54 0.56
C TYR A 72 21.65 1.92 0.51
N ASN A 73 20.87 2.88 0.04
CA ASN A 73 21.34 4.21 -0.28
C ASN A 73 21.06 5.15 0.87
N GLN A 74 22.08 5.59 1.58
CA GLN A 74 21.93 6.56 2.68
C GLN A 74 22.02 7.95 2.08
N ALA A 75 20.90 8.37 1.53
CA ALA A 75 20.85 9.59 0.76
C ALA A 75 21.21 10.79 1.60
N THR A 76 20.68 10.83 2.83
CA THR A 76 20.99 11.83 3.82
C THR A 76 21.07 11.12 5.16
N GLN A 77 21.45 11.87 6.18
CA GLN A 77 21.51 11.30 7.53
C GLN A 77 20.16 10.97 8.12
N THR A 78 19.07 11.42 7.53
CA THR A 78 17.76 11.02 8.00
C THR A 78 16.85 10.46 6.93
N PHE A 79 17.31 10.25 5.68
CA PHE A 79 16.46 9.64 4.65
C PHE A 79 17.29 8.60 3.93
N HIS A 80 16.88 7.35 4.07
CA HIS A 80 17.57 6.27 3.42
C HIS A 80 16.57 5.57 2.52
N GLN A 81 17.04 4.89 1.50
CA GLN A 81 16.17 4.38 0.44
C GLN A 81 16.81 3.15 -0.20
N TRP A 82 15.96 2.35 -0.81
CA TRP A 82 16.44 1.22 -1.60
C TRP A 82 15.37 0.89 -2.59
N ARG A 83 15.71 -0.01 -3.51
CA ARG A 83 14.82 -0.34 -4.60
C ARG A 83 14.85 -1.84 -4.77
N ASP A 84 13.76 -2.35 -5.36
CA ASP A 84 13.80 -3.71 -5.88
C ASP A 84 13.12 -3.73 -7.22
N ALA A 85 12.81 -4.91 -7.73
CA ALA A 85 12.27 -4.98 -9.08
C ALA A 85 10.93 -4.29 -9.26
N ARG A 86 10.21 -3.98 -8.18
CA ARG A 86 8.85 -3.48 -8.27
C ARG A 86 8.71 -2.06 -7.72
N GLN A 87 9.41 -1.70 -6.67
CA GLN A 87 9.15 -0.46 -5.95
C GLN A 87 10.44 0.15 -5.45
N VAL A 88 10.37 1.44 -5.20
CA VAL A 88 11.40 2.16 -4.49
C VAL A 88 10.81 2.59 -3.17
N TYR A 89 11.55 2.34 -2.12
CA TYR A 89 11.15 2.64 -0.75
C TYR A 89 12.09 3.68 -0.16
N GLY A 90 11.48 4.54 0.67
CA GLY A 90 12.22 5.55 1.40
C GLY A 90 11.81 5.51 2.86
N LEU A 91 12.77 5.79 3.75
CA LEU A 91 12.49 5.94 5.16
C LEU A 91 12.94 7.31 5.58
N ASN A 92 11.97 8.15 5.97
CA ASN A 92 12.29 9.47 6.51
C ASN A 92 12.31 9.32 8.01
N PHE A 93 13.49 9.15 8.54
CA PHE A 93 13.62 8.80 9.97
C PHE A 93 13.25 9.97 10.86
N GLY A 94 12.77 9.64 12.06
CA GLY A 94 12.41 10.65 13.04
C GLY A 94 13.61 11.40 13.60
N SER A 95 14.79 10.81 13.52
CA SER A 95 16.02 11.36 14.07
C SER A 95 17.23 10.65 13.42
N LYS A 96 18.40 11.26 13.58
CA LYS A 96 19.62 10.61 13.10
C LYS A 96 19.89 9.34 13.84
N GLU A 97 19.54 9.30 15.14
CA GLU A 97 19.75 8.10 15.91
C GLU A 97 18.95 6.95 15.32
N ASP A 98 17.68 7.20 14.94
CA ASP A 98 16.87 6.16 14.32
C ASP A 98 17.48 5.68 13.02
N ALA A 99 17.97 6.62 12.23
CA ALA A 99 18.57 6.24 10.95
C ALA A 99 19.80 5.38 11.18
N ASN A 100 20.63 5.72 12.18
CA ASN A 100 21.83 4.95 12.46
C ASN A 100 21.52 3.56 12.92
N VAL A 101 20.52 3.43 13.80
CA VAL A 101 20.11 2.15 14.30
C VAL A 101 19.68 1.28 13.13
N PHE A 102 18.77 1.81 12.31
CA PHE A 102 18.27 1.03 11.19
C PHE A 102 19.35 0.69 10.18
N ALA A 103 20.16 1.67 9.81
CA ALA A 103 21.22 1.39 8.84
C ALA A 103 22.19 0.35 9.37
N SER A 104 22.48 0.39 10.65
N SER A 104 22.50 0.40 10.66
N SER A 104 22.50 0.41 10.68
CA SER A 104 23.43 -0.60 11.17
CA SER A 104 23.40 -0.60 11.22
CA SER A 104 23.37 -0.63 11.30
C SER A 104 22.83 -2.01 11.15
C SER A 104 22.81 -2.00 11.10
C SER A 104 22.80 -1.99 11.08
N ALA A 105 21.50 -2.15 11.40
CA ALA A 105 20.88 -3.47 11.31
C ALA A 105 20.76 -3.93 9.86
N MET A 106 20.41 -2.99 8.96
CA MET A 106 20.37 -3.31 7.53
C MET A 106 21.74 -3.76 7.02
N MET A 107 22.80 -3.02 7.37
CA MET A 107 24.14 -3.41 6.91
C MET A 107 24.56 -4.74 7.48
N HIS A 108 24.22 -5.01 8.74
CA HIS A 108 24.45 -6.34 9.31
C HIS A 108 23.78 -7.42 8.48
N ALA A 109 22.47 -7.25 8.22
CA ALA A 109 21.70 -8.18 7.40
C ALA A 109 22.41 -8.44 6.07
N LEU A 110 22.84 -7.37 5.42
CA LEU A 110 23.41 -7.50 4.09
C LEU A 110 24.77 -8.19 4.12
N GLU A 111 25.45 -8.17 5.26
N GLU A 111 25.46 -8.14 5.26
CA GLU A 111 26.76 -8.79 5.43
CA GLU A 111 26.74 -8.81 5.42
C GLU A 111 26.66 -10.26 5.78
C GLU A 111 26.55 -10.31 5.57
N VAL A 112 25.56 -10.73 6.37
CA VAL A 112 25.42 -12.13 6.75
C VAL A 112 24.55 -12.91 5.76
N LEU A 113 23.89 -12.23 4.84
CA LEU A 113 23.15 -12.92 3.81
C LEU A 113 24.09 -13.58 2.83
N SER B 4 -11.67 -21.15 -5.60
CA SER B 4 -12.46 -20.72 -4.46
C SER B 4 -13.04 -19.32 -4.65
N GLU B 5 -12.61 -18.62 -5.71
CA GLU B 5 -12.99 -17.23 -5.91
C GLU B 5 -13.47 -17.02 -7.35
N GLN B 6 -14.73 -16.60 -7.51
CA GLN B 6 -15.32 -16.34 -8.81
C GLN B 6 -15.40 -14.83 -8.99
N SER B 7 -14.89 -14.35 -10.10
CA SER B 7 -15.03 -12.94 -10.43
C SER B 7 -16.46 -12.69 -10.89
N ILE B 8 -17.10 -11.70 -10.29
CA ILE B 8 -18.44 -11.28 -10.69
C ILE B 8 -18.43 -10.01 -11.48
N CYS B 9 -17.30 -9.31 -11.54
N CYS B 9 -17.25 -9.44 -11.72
CA CYS B 9 -17.16 -8.20 -12.46
CA CYS B 9 -17.16 -8.11 -12.29
C CYS B 9 -15.70 -7.87 -12.63
C CYS B 9 -15.70 -7.79 -12.57
N GLN B 10 -15.44 -7.10 -13.68
CA GLN B 10 -14.15 -6.51 -13.95
C GLN B 10 -14.41 -5.10 -14.46
N ALA B 11 -13.73 -4.14 -13.86
CA ALA B 11 -13.89 -2.76 -14.25
C ALA B 11 -12.55 -2.06 -14.23
N ARG B 12 -12.40 -1.11 -15.12
CA ARG B 12 -11.18 -0.35 -15.24
C ARG B 12 -11.27 0.86 -14.32
N ALA B 13 -10.33 1.00 -13.41
CA ALA B 13 -10.33 2.17 -12.54
C ALA B 13 -8.98 2.41 -11.97
N ALA B 14 -8.72 3.69 -11.71
CA ALA B 14 -7.58 4.10 -10.93
C ALA B 14 -8.01 4.01 -9.46
N VAL B 15 -7.34 3.17 -8.72
CA VAL B 15 -7.67 2.92 -7.32
C VAL B 15 -6.91 3.91 -6.45
N MET B 16 -7.67 4.66 -5.63
N MET B 16 -7.61 4.48 -5.50
CA MET B 16 -7.16 5.75 -4.82
CA MET B 16 -7.02 5.49 -4.67
C MET B 16 -7.51 5.46 -3.36
C MET B 16 -7.43 5.22 -3.24
N VAL B 17 -6.66 5.93 -2.44
N VAL B 17 -6.71 5.88 -2.36
CA VAL B 17 -7.00 5.90 -1.01
CA VAL B 17 -6.93 5.84 -0.92
C VAL B 17 -6.84 7.31 -0.45
C VAL B 17 -6.82 7.28 -0.44
N TYR B 18 -7.67 7.67 0.52
CA TYR B 18 -7.69 9.04 1.01
C TYR B 18 -6.71 9.16 2.16
N ASP B 19 -5.78 10.06 2.01
CA ASP B 19 -4.82 10.35 3.07
C ASP B 19 -5.36 11.49 3.92
N ASP B 20 -6.10 11.12 4.96
CA ASP B 20 -6.84 12.14 5.71
C ASP B 20 -5.93 13.25 6.21
N ALA B 21 -4.73 12.90 6.70
CA ALA B 21 -3.85 13.88 7.33
C ALA B 21 -3.53 15.04 6.38
N ASN B 22 -3.40 14.74 5.08
CA ASN B 22 -3.08 15.78 4.09
C ASN B 22 -4.26 16.10 3.21
N LYS B 23 -5.45 15.56 3.51
CA LYS B 23 -6.67 15.80 2.77
C LYS B 23 -6.40 15.64 1.29
N LYS B 24 -5.80 14.49 0.95
CA LYS B 24 -5.31 14.21 -0.40
C LYS B 24 -5.68 12.77 -0.77
N TRP B 25 -6.22 12.56 -1.97
CA TRP B 25 -6.24 11.21 -2.50
C TRP B 25 -4.87 10.83 -3.04
N VAL B 26 -4.46 9.60 -2.78
CA VAL B 26 -3.18 9.12 -3.26
C VAL B 26 -3.40 7.78 -3.97
N PRO B 27 -2.58 7.43 -4.97
CA PRO B 27 -2.78 6.15 -5.64
C PRO B 27 -2.58 4.98 -4.71
N ALA B 28 -3.49 4.03 -4.81
CA ALA B 28 -3.36 2.79 -4.05
C ALA B 28 -2.08 2.07 -4.44
N GLY B 29 -1.35 1.57 -3.43
CA GLY B 29 -0.08 0.91 -3.68
C GLY B 29 1.02 1.83 -4.11
N GLY B 30 0.78 3.13 -4.12
CA GLY B 30 1.75 4.15 -4.49
C GLY B 30 2.07 4.18 -5.96
N SER B 31 1.15 3.73 -6.81
CA SER B 31 1.46 3.40 -8.20
C SER B 31 0.36 4.03 -9.02
N THR B 32 0.64 5.23 -9.59
CA THR B 32 -0.35 5.90 -10.45
C THR B 32 -0.69 5.05 -11.66
N GLY B 33 -1.98 5.07 -12.03
CA GLY B 33 -2.45 4.43 -13.24
C GLY B 33 -3.64 3.55 -12.95
N PHE B 34 -4.15 2.97 -14.01
CA PHE B 34 -5.32 2.16 -13.98
C PHE B 34 -5.03 0.74 -13.60
N SER B 35 -6.06 0.14 -13.00
CA SER B 35 -6.08 -1.24 -12.56
C SER B 35 -7.30 -1.91 -13.16
N ARG B 36 -7.21 -3.20 -13.19
CA ARG B 36 -8.37 -4.03 -13.45
C ARG B 36 -8.89 -4.46 -12.09
N VAL B 37 -10.11 -4.03 -11.79
CA VAL B 37 -10.68 -4.18 -10.46
C VAL B 37 -11.82 -5.18 -10.54
N HIS B 38 -11.69 -6.25 -9.78
CA HIS B 38 -12.69 -7.26 -9.71
C HIS B 38 -13.45 -7.16 -8.41
N ILE B 39 -14.68 -7.68 -8.41
CA ILE B 39 -15.29 -8.16 -7.17
C ILE B 39 -15.23 -9.67 -7.27
N TYR B 40 -14.58 -10.29 -6.31
CA TYR B 40 -14.53 -11.73 -6.24
C TYR B 40 -15.50 -12.20 -5.17
N HIS B 41 -16.21 -13.25 -5.50
CA HIS B 41 -17.14 -13.90 -4.61
C HIS B 41 -16.57 -15.25 -4.18
N HIS B 42 -16.51 -15.45 -2.89
CA HIS B 42 -16.12 -16.72 -2.31
C HIS B 42 -17.42 -17.36 -1.86
N THR B 43 -17.85 -18.40 -2.59
CA THR B 43 -19.20 -18.91 -2.39
C THR B 43 -19.32 -19.66 -1.05
N GLY B 44 -18.22 -20.23 -0.58
CA GLY B 44 -18.29 -21.06 0.62
C GLY B 44 -18.89 -20.36 1.83
N ASN B 45 -18.58 -19.09 2.02
CA ASN B 45 -19.13 -18.30 3.12
C ASN B 45 -19.82 -17.04 2.62
N ASN B 46 -20.13 -17.00 1.34
CA ASN B 46 -20.79 -15.87 0.72
C ASN B 46 -20.13 -14.56 1.11
N THR B 47 -18.83 -14.46 0.83
CA THR B 47 -18.11 -13.23 1.07
C THR B 47 -17.67 -12.66 -0.26
N PHE B 48 -17.41 -11.37 -0.25
CA PHE B 48 -17.00 -10.65 -1.44
C PHE B 48 -15.85 -9.76 -1.10
N ARG B 49 -14.93 -9.62 -2.05
CA ARG B 49 -13.78 -8.74 -1.90
C ARG B 49 -13.54 -7.96 -3.18
N VAL B 50 -13.01 -6.75 -3.04
CA VAL B 50 -12.57 -5.95 -4.14
C VAL B 50 -11.07 -6.21 -4.29
N VAL B 51 -10.63 -6.67 -5.45
CA VAL B 51 -9.22 -6.97 -5.68
C VAL B 51 -8.88 -6.29 -6.99
N GLY B 52 -7.86 -5.46 -6.98
CA GLY B 52 -7.46 -4.73 -8.16
C GLY B 52 -5.97 -4.86 -8.38
N ARG B 53 -5.59 -5.01 -9.64
CA ARG B 53 -4.18 -5.22 -9.99
C ARG B 53 -3.84 -4.23 -11.08
N LYS B 54 -2.69 -3.59 -10.97
CA LYS B 54 -2.28 -2.66 -12.01
C LYS B 54 -2.20 -3.35 -13.35
N ILE B 55 -2.73 -2.69 -14.36
CA ILE B 55 -2.69 -3.30 -15.69
C ILE B 55 -1.24 -3.60 -16.11
N GLN B 56 -0.30 -2.69 -15.83
CA GLN B 56 1.07 -2.89 -16.33
C GLN B 56 1.83 -3.95 -15.53
N ASP B 57 2.04 -3.75 -14.24
CA ASP B 57 3.01 -4.62 -13.61
C ASP B 57 2.35 -5.65 -12.74
N HIS B 58 1.03 -5.66 -12.72
CA HIS B 58 0.19 -6.62 -12.00
C HIS B 58 0.21 -6.48 -10.47
N GLN B 59 0.77 -5.41 -9.91
CA GLN B 59 0.79 -5.28 -8.46
C GLN B 59 -0.64 -5.28 -7.99
N VAL B 60 -0.88 -6.01 -6.89
CA VAL B 60 -2.19 -5.93 -6.23
C VAL B 60 -2.18 -4.63 -5.43
N VAL B 61 -3.06 -3.71 -5.82
CA VAL B 61 -3.14 -2.42 -5.17
C VAL B 61 -4.32 -2.30 -4.20
N ILE B 62 -5.27 -3.19 -4.27
CA ILE B 62 -6.40 -3.22 -3.35
C ILE B 62 -6.81 -4.64 -3.19
N ASN B 63 -7.10 -5.02 -1.96
CA ASN B 63 -7.66 -6.33 -1.62
C ASN B 63 -8.42 -6.12 -0.33
N CYS B 64 -9.68 -5.78 -0.49
N CYS B 64 -9.68 -5.77 -0.47
CA CYS B 64 -10.54 -5.26 0.56
CA CYS B 64 -10.45 -5.38 0.70
C CYS B 64 -11.75 -6.17 0.70
C CYS B 64 -11.83 -6.01 0.72
N ALA B 65 -12.22 -6.39 1.92
CA ALA B 65 -13.48 -7.04 2.15
C ALA B 65 -14.61 -6.07 1.87
N ILE B 66 -15.75 -6.60 1.50
CA ILE B 66 -17.00 -5.86 1.37
C ILE B 66 -17.91 -6.36 2.49
N PRO B 67 -18.09 -5.62 3.54
CA PRO B 67 -18.92 -6.09 4.64
C PRO B 67 -20.38 -5.79 4.39
N LYS B 68 -21.21 -6.60 5.01
CA LYS B 68 -22.63 -6.31 5.00
C LYS B 68 -22.89 -4.92 5.56
N GLY B 69 -23.77 -4.16 4.92
CA GLY B 69 -24.14 -2.84 5.41
C GLY B 69 -23.32 -1.69 4.87
N LEU B 70 -22.31 -2.00 4.05
CA LEU B 70 -21.43 -0.96 3.53
C LEU B 70 -22.25 0.11 2.86
N LYS B 71 -21.84 1.33 3.03
CA LYS B 71 -22.43 2.46 2.30
C LYS B 71 -21.52 2.76 1.13
N TYR B 72 -21.97 2.44 -0.05
CA TYR B 72 -21.17 2.59 -1.28
C TYR B 72 -21.63 3.89 -1.89
N ASN B 73 -20.77 4.87 -1.85
CA ASN B 73 -21.11 6.22 -2.25
C ASN B 73 -20.73 6.46 -3.70
N GLN B 74 -21.73 6.69 -4.51
CA GLN B 74 -21.56 6.97 -5.93
C GLN B 74 -21.46 8.49 -6.05
N ALA B 75 -20.29 8.99 -5.70
CA ALA B 75 -20.09 10.44 -5.62
C ALA B 75 -20.35 11.11 -6.93
N THR B 76 -19.82 10.55 -8.01
CA THR B 76 -20.13 11.01 -9.33
C THR B 76 -20.37 9.79 -10.21
N GLN B 77 -20.67 10.04 -11.48
CA GLN B 77 -20.91 8.94 -12.42
C GLN B 77 -19.64 8.15 -12.73
N THR B 78 -18.46 8.69 -12.40
CA THR B 78 -17.22 7.97 -12.63
C THR B 78 -16.31 7.88 -11.42
N PHE B 79 -16.74 8.31 -10.21
CA PHE B 79 -15.92 8.15 -9.02
C PHE B 79 -16.81 7.67 -7.91
N HIS B 80 -16.53 6.48 -7.45
CA HIS B 80 -17.29 5.90 -6.36
C HIS B 80 -16.32 5.58 -5.24
N GLN B 81 -16.81 5.49 -4.04
CA GLN B 81 -15.95 5.42 -2.85
C GLN B 81 -16.68 4.72 -1.72
N TRP B 82 -15.90 4.22 -0.78
CA TRP B 82 -16.44 3.58 0.42
C TRP B 82 -15.32 3.53 1.45
N ARG B 83 -15.69 3.12 2.69
CA ARG B 83 -14.80 3.17 3.85
C ARG B 83 -14.65 1.79 4.48
N ASP B 84 -13.52 1.60 5.16
CA ASP B 84 -13.45 0.62 6.25
C ASP B 84 -13.17 1.34 7.58
N ALA B 85 -12.75 0.60 8.59
CA ALA B 85 -12.51 1.26 9.87
C ALA B 85 -11.23 2.06 9.86
N ARG B 86 -10.40 1.99 8.80
CA ARG B 86 -9.20 2.84 8.78
C ARG B 86 -9.08 3.70 7.55
N GLN B 87 -9.52 3.19 6.40
CA GLN B 87 -9.20 3.83 5.15
C GLN B 87 -10.47 4.13 4.37
N VAL B 88 -10.36 5.10 3.51
CA VAL B 88 -11.37 5.41 2.51
C VAL B 88 -10.79 5.08 1.16
N TYR B 89 -11.52 4.32 0.39
CA TYR B 89 -11.13 3.86 -0.93
C TYR B 89 -11.96 4.62 -1.97
N GLY B 90 -11.32 4.93 -3.08
CA GLY B 90 -12.00 5.54 -4.20
C GLY B 90 -11.64 4.79 -5.48
N LEU B 91 -12.59 4.74 -6.39
CA LEU B 91 -12.36 4.19 -7.73
C LEU B 91 -12.69 5.27 -8.75
N ASN B 92 -11.69 5.72 -9.47
CA ASN B 92 -11.90 6.65 -10.56
C ASN B 92 -11.98 5.83 -11.83
N PHE B 93 -13.20 5.51 -12.22
CA PHE B 93 -13.43 4.60 -13.33
C PHE B 93 -12.98 5.20 -14.66
N GLY B 94 -12.57 4.28 -15.56
CA GLY B 94 -12.15 4.70 -16.88
C GLY B 94 -13.30 5.19 -17.74
N SER B 95 -14.52 4.79 -17.42
CA SER B 95 -15.68 5.15 -18.21
C SER B 95 -16.90 5.03 -17.30
N LYS B 96 -18.00 5.65 -17.75
CA LYS B 96 -19.27 5.44 -17.09
C LYS B 96 -19.68 3.99 -17.14
N GLU B 97 -19.39 3.30 -18.26
CA GLU B 97 -19.81 1.92 -18.38
C GLU B 97 -19.09 1.08 -17.34
N ASP B 98 -17.80 1.34 -17.11
CA ASP B 98 -17.05 0.67 -16.03
C ASP B 98 -17.67 0.95 -14.66
N ALA B 99 -18.04 2.20 -14.43
CA ALA B 99 -18.61 2.56 -13.15
C ALA B 99 -19.93 1.82 -12.97
N ASN B 100 -20.72 1.73 -14.03
CA ASN B 100 -22.00 1.06 -13.97
C ASN B 100 -21.85 -0.41 -13.70
N VAL B 101 -20.90 -1.06 -14.39
CA VAL B 101 -20.65 -2.47 -14.19
C VAL B 101 -20.25 -2.71 -12.76
N PHE B 102 -19.28 -1.94 -12.26
CA PHE B 102 -18.83 -2.18 -10.92
C PHE B 102 -19.89 -1.88 -9.87
N ALA B 103 -20.60 -0.77 -10.03
CA ALA B 103 -21.67 -0.43 -9.04
C ALA B 103 -22.76 -1.45 -9.04
N SER B 104 -23.08 -2.00 -10.19
N SER B 104 -23.15 -1.94 -10.22
N SER B 104 -23.11 -1.98 -10.21
CA SER B 104 -24.19 -2.96 -10.19
CA SER B 104 -24.13 -3.04 -10.30
CA SER B 104 -24.13 -3.01 -10.29
C SER B 104 -23.75 -4.28 -9.51
C SER B 104 -23.69 -4.19 -9.42
C SER B 104 -23.71 -4.24 -9.50
N ALA B 105 -22.46 -4.67 -9.66
CA ALA B 105 -21.96 -5.84 -8.95
C ALA B 105 -21.86 -5.57 -7.47
N MET B 106 -21.35 -4.41 -7.10
CA MET B 106 -21.27 -4.05 -5.68
C MET B 106 -22.67 -4.05 -5.06
N MET B 107 -23.63 -3.39 -5.71
CA MET B 107 -25.00 -3.33 -5.16
C MET B 107 -25.59 -4.72 -5.06
N HIS B 108 -25.33 -5.59 -6.04
CA HIS B 108 -25.71 -7.00 -5.94
C HIS B 108 -25.16 -7.65 -4.70
N ALA B 109 -23.84 -7.54 -4.51
CA ALA B 109 -23.15 -8.09 -3.36
C ALA B 109 -23.81 -7.62 -2.07
N LEU B 110 -24.07 -6.33 -1.98
CA LEU B 110 -24.62 -5.76 -0.77
C LEU B 110 -26.04 -6.22 -0.52
N GLU B 111 -26.76 -6.59 -1.57
CA GLU B 111 -28.11 -7.08 -1.44
C GLU B 111 -28.13 -8.52 -0.96
N VAL B 112 -27.14 -9.33 -1.34
CA VAL B 112 -27.16 -10.75 -1.02
C VAL B 112 -26.36 -11.10 0.24
N LEU B 113 -25.60 -10.17 0.80
CA LEU B 113 -24.91 -10.36 2.07
C LEU B 113 -25.93 -10.36 3.20
N THR C 1 9.88 15.99 -0.12
CA THR C 1 9.61 17.41 0.22
C THR C 1 8.49 17.52 1.26
N GLU C 2 8.39 18.71 1.85
CA GLU C 2 7.30 18.94 2.83
C GLU C 2 5.92 18.76 2.13
N ASP C 3 5.83 19.04 0.86
CA ASP C 3 4.57 18.86 0.12
C ASP C 3 4.18 17.36 0.09
N GLU C 4 5.19 16.47 -0.02
CA GLU C 4 4.93 15.02 -0.03
C GLU C 4 4.70 14.44 1.38
N THR D 1 -8.66 15.21 -7.60
CA THR D 1 -8.27 16.27 -8.55
C THR D 1 -7.24 15.70 -9.52
N GLU D 2 -7.03 16.43 -10.62
CA GLU D 2 -6.05 15.99 -11.62
C GLU D 2 -4.63 15.86 -11.00
N ASP D 3 -4.27 16.78 -10.09
CA ASP D 3 -2.96 16.68 -9.46
C ASP D 3 -2.86 15.34 -8.72
N GLU D 4 -3.94 14.94 -8.02
CA GLU D 4 -3.87 13.68 -7.31
C GLU D 4 -3.80 12.43 -8.23
#